data_3JUL
#
_entry.id   3JUL
#
_cell.length_a   84.307
_cell.length_b   44.240
_cell.length_c   79.116
_cell.angle_alpha   90.00
_cell.angle_beta   104.65
_cell.angle_gamma   90.00
#
_symmetry.space_group_name_H-M   'C 1 2 1'
#
loop_
_entity.id
_entity.type
_entity.pdbx_description
1 polymer 'Lin2199 protein'
2 non-polymer 'MAGNESIUM ION'
3 non-polymer 6-O-phosphono-beta-D-tagatofuranose
4 water water
#
_entity_poly.entity_id   1
_entity_poly.type   'polypeptide(L)'
_entity_poly.pdbx_seq_one_letter_code
;(MSE)SLIYTITLNPAIDRLLFIRGELEKRKTNRVIKTEFDCGGKGLHVSGVLSKFGIKNEALGIAGSDNLDKLYAILKE
KHINHDFLVEAGTSTRECFVVLSDDTNGST(MSE)IPEAGFTVSQTNKDNLLKQIAKKVKKED(MSE)VVIAGSPPPHYT
LSDFKELLRTVKATGAFLGCDNSGEYLNLAVE(MSE)GVDFIKPNEDEVIAILDEKTNSLEENIRTLAEKIPYLVVSLGA
KGSICAHNGKLYQVIPPKVQERNDTGAGDVFVGAFIAGLA(MSE)N(MSE)PITETLKVATGCSASKV(MSE)QQDSSSF
DLEAAGKLKNQVSIIQLEEREGHHHHHH
;
_entity_poly.pdbx_strand_id   A
#
# COMPACT_ATOMS: atom_id res chain seq x y z
N SER A 2 9.10 -7.05 -18.64
CA SER A 2 9.00 -7.42 -17.20
C SER A 2 7.59 -7.15 -16.67
N LEU A 3 7.32 -7.57 -15.44
CA LEU A 3 5.99 -7.39 -14.87
C LEU A 3 5.98 -6.95 -13.41
N ILE A 4 4.89 -6.33 -12.98
CA ILE A 4 4.78 -5.91 -11.59
C ILE A 4 3.77 -6.78 -10.86
N TYR A 5 4.14 -7.23 -9.66
CA TYR A 5 3.28 -8.07 -8.85
C TYR A 5 2.97 -7.41 -7.52
N THR A 6 1.69 -7.41 -7.14
CA THR A 6 1.31 -6.84 -5.87
C THR A 6 0.90 -8.03 -5.01
N ILE A 7 1.18 -7.97 -3.72
CA ILE A 7 0.78 -9.07 -2.86
C ILE A 7 0.00 -8.53 -1.67
N THR A 8 -1.27 -8.90 -1.64
CA THR A 8 -2.18 -8.47 -0.60
C THR A 8 -2.54 -9.63 0.31
N LEU A 9 -1.69 -9.90 1.28
CA LEU A 9 -1.92 -10.99 2.22
C LEU A 9 -3.28 -10.99 2.91
N ASN A 10 -3.80 -9.80 3.21
CA ASN A 10 -5.08 -9.71 3.90
C ASN A 10 -6.03 -8.77 3.14
N PRO A 11 -6.48 -9.21 1.94
CA PRO A 11 -7.39 -8.42 1.10
C PRO A 11 -8.68 -8.05 1.81
N ALA A 12 -9.39 -7.09 1.24
CA ALA A 12 -10.64 -6.62 1.80
C ALA A 12 -11.53 -6.04 0.74
N ILE A 13 -12.77 -5.79 1.13
CA ILE A 13 -13.76 -5.16 0.27
C ILE A 13 -14.15 -3.91 1.06
N ASP A 14 -13.87 -2.75 0.49
CA ASP A 14 -14.22 -1.51 1.15
C ASP A 14 -15.68 -1.15 0.92
N ARG A 15 -16.44 -1.02 2.01
CA ARG A 15 -17.85 -0.64 1.89
C ARG A 15 -18.04 0.80 2.34
N LEU A 16 -18.20 1.70 1.39
CA LEU A 16 -18.39 3.11 1.69
C LEU A 16 -19.81 3.34 2.16
N LEU A 17 -19.96 3.89 3.35
CA LEU A 17 -21.27 4.15 3.92
C LEU A 17 -21.45 5.65 4.04
N PHE A 18 -22.29 6.21 3.18
CA PHE A 18 -22.56 7.64 3.16
C PHE A 18 -23.72 8.05 4.06
N ILE A 19 -23.42 8.88 5.06
CA ILE A 19 -24.41 9.37 6.00
C ILE A 19 -24.46 10.90 5.93
N ARG A 20 -25.35 11.49 6.71
CA ARG A 20 -25.47 12.95 6.74
C ARG A 20 -24.67 13.49 7.93
N GLY A 21 -23.94 14.57 7.67
CA GLY A 21 -23.14 15.20 8.71
C GLY A 21 -22.11 14.29 9.35
N GLU A 22 -21.75 14.60 10.59
CA GLU A 22 -20.76 13.84 11.34
C GLU A 22 -21.35 12.54 11.89
N LEU A 23 -20.48 11.69 12.41
CA LEU A 23 -20.88 10.40 12.97
C LEU A 23 -20.99 10.40 14.49
N GLU A 24 -22.22 10.50 15.00
CA GLU A 24 -22.47 10.48 16.43
C GLU A 24 -21.99 9.10 16.90
N LYS A 25 -21.64 8.95 18.18
CA LYS A 25 -21.15 7.64 18.60
C LYS A 25 -21.96 6.84 19.62
N ARG A 26 -23.28 6.92 19.51
CA ARG A 26 -24.20 6.18 20.36
C ARG A 26 -25.58 6.46 19.80
N LYS A 27 -25.56 7.15 18.66
CA LYS A 27 -26.78 7.50 17.95
C LYS A 27 -26.91 6.56 16.76
N THR A 28 -28.01 6.70 16.04
CA THR A 28 -28.25 5.91 14.86
C THR A 28 -27.91 6.80 13.69
N ASN A 29 -27.02 6.33 12.83
CA ASN A 29 -26.62 7.10 11.67
C ASN A 29 -27.09 6.36 10.41
N ARG A 30 -28.17 6.86 9.81
CA ARG A 30 -28.75 6.26 8.63
C ARG A 30 -27.86 6.41 7.41
N VAL A 31 -27.72 5.33 6.65
CA VAL A 31 -26.90 5.34 5.45
C VAL A 31 -27.75 5.78 4.25
N ILE A 32 -27.28 6.83 3.57
CA ILE A 32 -27.97 7.38 2.40
C ILE A 32 -27.80 6.46 1.20
N LYS A 33 -26.58 5.93 1.04
CA LYS A 33 -26.28 5.02 -0.05
C LYS A 33 -25.03 4.25 0.31
N THR A 34 -24.90 3.05 -0.24
CA THR A 34 -23.72 2.23 0.01
C THR A 34 -22.93 2.09 -1.27
N GLU A 35 -21.60 2.08 -1.13
CA GLU A 35 -20.73 1.93 -2.28
C GLU A 35 -19.61 0.97 -1.97
N PHE A 36 -19.22 0.19 -2.97
CA PHE A 36 -18.16 -0.80 -2.81
C PHE A 36 -16.92 -0.45 -3.63
N ASP A 37 -15.78 -0.86 -3.11
CA ASP A 37 -14.50 -0.65 -3.76
C ASP A 37 -13.64 -1.79 -3.24
N CYS A 38 -12.50 -2.05 -3.89
CA CYS A 38 -11.65 -3.13 -3.42
C CYS A 38 -10.80 -2.64 -2.27
N GLY A 39 -10.54 -3.53 -1.32
CA GLY A 39 -9.75 -3.21 -0.15
C GLY A 39 -8.46 -4.00 -0.12
N GLY A 40 -7.51 -3.56 0.70
CA GLY A 40 -6.23 -4.21 0.78
C GLY A 40 -5.25 -3.26 0.10
N LYS A 41 -4.09 -3.06 0.71
CA LYS A 41 -3.10 -2.14 0.14
C LYS A 41 -2.67 -2.59 -1.24
N GLY A 42 -2.24 -3.84 -1.34
CA GLY A 42 -1.80 -4.39 -2.61
C GLY A 42 -2.78 -4.09 -3.73
N LEU A 43 -4.05 -4.40 -3.50
CA LEU A 43 -5.09 -4.15 -4.48
C LEU A 43 -5.15 -2.67 -4.87
N HIS A 44 -5.16 -1.78 -3.87
CA HIS A 44 -5.19 -0.36 -4.15
C HIS A 44 -3.99 0.00 -5.03
N VAL A 45 -2.86 -0.65 -4.78
CA VAL A 45 -1.68 -0.37 -5.58
C VAL A 45 -1.85 -0.88 -7.00
N SER A 46 -2.56 -2.00 -7.14
CA SER A 46 -2.81 -2.56 -8.47
C SER A 46 -3.73 -1.61 -9.23
N GLY A 47 -4.68 -1.02 -8.49
CA GLY A 47 -5.63 -0.08 -9.08
C GLY A 47 -4.94 1.13 -9.67
N VAL A 48 -3.90 1.61 -9.00
CA VAL A 48 -3.14 2.76 -9.49
C VAL A 48 -2.31 2.37 -10.71
N LEU A 49 -1.58 1.27 -10.62
CA LEU A 49 -0.77 0.80 -11.73
C LEU A 49 -1.56 0.73 -13.02
N SER A 50 -2.76 0.16 -12.94
CA SER A 50 -3.63 0.00 -14.11
C SER A 50 -4.04 1.34 -14.71
N LYS A 51 -4.32 2.33 -13.88
CA LYS A 51 -4.73 3.63 -14.40
C LYS A 51 -3.58 4.27 -15.16
N PHE A 52 -2.38 3.78 -14.87
CA PHE A 52 -1.17 4.25 -15.51
C PHE A 52 -0.83 3.39 -16.71
N GLY A 53 -1.73 2.48 -17.05
CA GLY A 53 -1.50 1.61 -18.18
C GLY A 53 -0.25 0.78 -18.01
N ILE A 54 0.07 0.45 -16.76
CA ILE A 54 1.24 -0.35 -16.45
C ILE A 54 0.74 -1.76 -16.14
N LYS A 55 1.31 -2.75 -16.82
CA LYS A 55 0.87 -4.12 -16.61
C LYS A 55 1.24 -4.62 -15.22
N ASN A 56 0.34 -5.40 -14.63
CA ASN A 56 0.56 -5.95 -13.30
C ASN A 56 -0.46 -7.04 -12.97
N GLU A 57 -0.16 -7.83 -11.96
CA GLU A 57 -1.03 -8.91 -11.52
C GLU A 57 -1.09 -8.92 -10.00
N ALA A 58 -2.29 -9.03 -9.45
CA ALA A 58 -2.45 -9.03 -8.00
C ALA A 58 -2.49 -10.43 -7.43
N LEU A 59 -1.75 -10.64 -6.34
CA LEU A 59 -1.71 -11.93 -5.68
C LEU A 59 -2.19 -11.76 -4.24
N GLY A 60 -2.63 -12.85 -3.63
CA GLY A 60 -3.12 -12.80 -2.26
C GLY A 60 -4.08 -13.94 -1.96
N ILE A 61 -4.67 -13.93 -0.77
CA ILE A 61 -5.61 -14.97 -0.35
C ILE A 61 -7.02 -14.42 -0.06
N ALA A 62 -7.97 -14.74 -0.92
CA ALA A 62 -9.35 -14.29 -0.77
C ALA A 62 -10.26 -15.38 -0.23
N GLY A 63 -11.41 -14.97 0.32
CA GLY A 63 -12.38 -15.93 0.84
C GLY A 63 -13.31 -16.34 -0.29
N SER A 64 -13.85 -17.56 -0.20
CA SER A 64 -14.75 -18.09 -1.22
C SER A 64 -16.15 -17.47 -1.29
N ASP A 65 -16.78 -17.32 -0.12
CA ASP A 65 -18.15 -16.80 -0.02
C ASP A 65 -18.51 -15.45 -0.67
N ASN A 66 -17.54 -14.58 -0.89
CA ASN A 66 -17.86 -13.31 -1.53
C ASN A 66 -16.91 -13.01 -2.68
N LEU A 67 -16.33 -14.08 -3.22
CA LEU A 67 -15.38 -13.97 -4.31
C LEU A 67 -15.96 -13.30 -5.55
N ASP A 68 -17.16 -13.73 -5.95
CA ASP A 68 -17.80 -13.15 -7.13
C ASP A 68 -17.88 -11.64 -7.02
N LYS A 69 -18.21 -11.17 -5.83
CA LYS A 69 -18.33 -9.74 -5.58
C LYS A 69 -16.95 -9.06 -5.68
N LEU A 70 -15.93 -9.70 -5.13
CA LEU A 70 -14.59 -9.13 -5.19
C LEU A 70 -14.12 -9.04 -6.65
N TYR A 71 -14.44 -10.07 -7.44
CA TYR A 71 -14.04 -10.11 -8.84
C TYR A 71 -14.71 -9.07 -9.73
N ALA A 72 -15.97 -8.76 -9.42
CA ALA A 72 -16.70 -7.78 -10.20
C ALA A 72 -16.01 -6.43 -10.00
N ILE A 73 -15.64 -6.15 -8.75
CA ILE A 73 -14.96 -4.90 -8.44
C ILE A 73 -13.63 -4.83 -9.17
N LEU A 74 -12.82 -5.88 -9.03
CA LEU A 74 -11.52 -5.91 -9.68
C LEU A 74 -11.64 -5.77 -11.19
N LYS A 75 -12.66 -6.40 -11.77
CA LYS A 75 -12.85 -6.33 -13.21
C LYS A 75 -13.13 -4.87 -13.56
N GLU A 76 -13.94 -4.24 -12.73
CA GLU A 76 -14.32 -2.84 -12.91
C GLU A 76 -13.09 -1.92 -12.80
N LYS A 77 -12.21 -2.21 -11.84
CA LYS A 77 -10.99 -1.42 -11.66
C LYS A 77 -9.90 -1.93 -12.60
N HIS A 78 -10.28 -2.78 -13.56
CA HIS A 78 -9.34 -3.36 -14.51
C HIS A 78 -8.09 -3.90 -13.80
N ILE A 79 -8.30 -4.76 -12.82
CA ILE A 79 -7.18 -5.35 -12.08
C ILE A 79 -7.00 -6.84 -12.36
N ASN A 80 -5.90 -7.19 -13.01
CA ASN A 80 -5.60 -8.59 -13.31
C ASN A 80 -5.09 -9.28 -12.05
N HIS A 81 -5.60 -10.48 -11.79
CA HIS A 81 -5.23 -11.22 -10.58
C HIS A 81 -5.20 -12.72 -10.75
N ASP A 82 -4.54 -13.39 -9.82
CA ASP A 82 -4.46 -14.85 -9.81
C ASP A 82 -4.49 -15.24 -8.34
N PHE A 83 -5.57 -14.83 -7.67
CA PHE A 83 -5.77 -15.09 -6.25
C PHE A 83 -5.84 -16.54 -5.86
N LEU A 84 -5.47 -16.81 -4.61
CA LEU A 84 -5.55 -18.14 -4.03
C LEU A 84 -6.87 -18.05 -3.25
N VAL A 85 -7.64 -19.12 -3.21
CA VAL A 85 -8.91 -19.07 -2.50
C VAL A 85 -9.03 -20.03 -1.32
N GLU A 86 -9.51 -19.48 -0.20
CA GLU A 86 -9.72 -20.25 1.01
C GLU A 86 -11.22 -20.55 1.08
N ALA A 87 -11.57 -21.82 0.91
CA ALA A 87 -12.97 -22.26 0.92
C ALA A 87 -13.76 -22.14 2.23
N GLY A 88 -15.01 -21.72 2.11
CA GLY A 88 -15.87 -21.60 3.26
C GLY A 88 -15.65 -20.36 4.11
N THR A 89 -14.95 -19.37 3.56
CA THR A 89 -14.68 -18.14 4.28
C THR A 89 -14.96 -16.93 3.40
N SER A 90 -15.07 -15.76 4.03
CA SER A 90 -15.36 -14.53 3.31
C SER A 90 -14.26 -13.50 3.47
N THR A 91 -13.97 -12.76 2.40
CA THR A 91 -12.96 -11.72 2.50
C THR A 91 -13.55 -10.72 3.48
N ARG A 92 -12.70 -10.19 4.36
CA ARG A 92 -13.15 -9.22 5.34
C ARG A 92 -13.59 -7.95 4.64
N GLU A 93 -14.29 -7.10 5.36
CA GLU A 93 -14.71 -5.82 4.82
C GLU A 93 -14.21 -4.69 5.70
N CYS A 94 -13.90 -3.57 5.07
CA CYS A 94 -13.47 -2.40 5.80
C CYS A 94 -14.55 -1.38 5.59
N PHE A 95 -15.32 -1.11 6.65
CA PHE A 95 -16.39 -0.15 6.58
C PHE A 95 -15.83 1.25 6.70
N VAL A 96 -16.14 2.06 5.70
CA VAL A 96 -15.69 3.45 5.63
C VAL A 96 -16.88 4.40 5.74
N VAL A 97 -17.11 4.94 6.93
CA VAL A 97 -18.22 5.87 7.11
C VAL A 97 -17.83 7.24 6.58
N LEU A 98 -18.35 7.58 5.41
CA LEU A 98 -18.05 8.84 4.76
C LEU A 98 -19.20 9.83 4.86
N SER A 99 -19.16 10.89 4.04
CA SER A 99 -20.21 11.91 4.03
C SER A 99 -19.94 13.09 3.09
N ASP A 100 -20.91 13.40 2.23
CA ASP A 100 -20.80 14.51 1.30
C ASP A 100 -20.83 15.82 2.08
N ASP A 101 -21.60 15.84 3.17
CA ASP A 101 -21.72 17.02 4.00
C ASP A 101 -20.44 17.31 4.78
N THR A 102 -19.51 16.35 4.81
CA THR A 102 -18.26 16.55 5.53
C THR A 102 -17.07 16.02 4.73
N ASN A 103 -15.87 16.25 5.26
CA ASN A 103 -14.66 15.77 4.60
C ASN A 103 -13.93 14.76 5.47
N GLY A 104 -14.67 14.13 6.37
CA GLY A 104 -14.04 13.15 7.23
C GLY A 104 -14.26 11.74 6.72
N SER A 105 -13.87 10.78 7.54
CA SER A 105 -14.01 9.37 7.23
C SER A 105 -13.59 8.58 8.46
N THR A 106 -14.43 7.65 8.86
CA THR A 106 -14.17 6.76 10.01
C THR A 106 -14.02 5.38 9.39
N ILE A 108 -13.47 1.21 9.90
CA ILE A 108 -13.76 0.10 10.79
C ILE A 108 -13.48 -1.17 9.97
N PRO A 109 -12.20 -1.58 9.87
CA PRO A 109 -11.76 -2.77 9.13
C PRO A 109 -11.93 -4.04 9.94
N GLU A 110 -12.35 -5.11 9.27
CA GLU A 110 -12.51 -6.39 9.92
C GLU A 110 -11.11 -6.95 9.96
N ALA A 111 -10.84 -7.85 10.91
CA ALA A 111 -9.52 -8.43 11.04
C ALA A 111 -9.11 -9.34 9.88
N GLY A 112 -10.09 -10.01 9.28
CA GLY A 112 -9.77 -10.90 8.20
C GLY A 112 -9.70 -12.30 8.78
N PHE A 113 -9.62 -13.32 7.92
CA PHE A 113 -9.59 -14.70 8.37
C PHE A 113 -8.20 -15.31 8.53
N THR A 114 -8.18 -16.51 9.09
CA THR A 114 -6.97 -17.27 9.32
C THR A 114 -6.64 -18.06 8.04
N VAL A 115 -5.46 -17.84 7.47
CA VAL A 115 -5.09 -18.54 6.24
C VAL A 115 -4.59 -19.96 6.48
N SER A 116 -5.05 -20.89 5.66
CA SER A 116 -4.62 -22.27 5.77
C SER A 116 -3.16 -22.45 5.34
N GLN A 117 -2.47 -23.35 6.03
CA GLN A 117 -1.06 -23.66 5.76
C GLN A 117 -0.84 -23.91 4.28
N THR A 118 -1.78 -24.64 3.66
CA THR A 118 -1.73 -24.98 2.26
C THR A 118 -1.64 -23.77 1.34
N ASN A 119 -2.47 -22.76 1.61
CA ASN A 119 -2.44 -21.55 0.79
C ASN A 119 -1.20 -20.68 1.05
N LYS A 120 -0.57 -20.89 2.20
CA LYS A 120 0.64 -20.14 2.53
C LYS A 120 1.71 -20.68 1.61
N ASP A 121 1.75 -21.99 1.51
CA ASP A 121 2.73 -22.66 0.66
C ASP A 121 2.40 -22.42 -0.81
N ASN A 122 1.12 -22.43 -1.18
CA ASN A 122 0.76 -22.19 -2.57
C ASN A 122 1.20 -20.79 -2.99
N LEU A 123 1.23 -19.87 -2.04
CA LEU A 123 1.63 -18.51 -2.36
C LEU A 123 3.13 -18.47 -2.65
N LEU A 124 3.88 -19.28 -1.90
CA LEU A 124 5.32 -19.35 -2.07
C LEU A 124 5.74 -19.87 -3.45
N LYS A 125 5.20 -21.00 -3.89
CA LYS A 125 5.63 -21.50 -5.20
C LYS A 125 5.06 -20.59 -6.26
N GLN A 126 3.88 -20.08 -6.00
CA GLN A 126 3.24 -19.18 -6.91
C GLN A 126 4.26 -18.09 -7.27
N ILE A 127 4.92 -17.55 -6.25
CA ILE A 127 5.94 -16.51 -6.41
C ILE A 127 7.17 -17.03 -7.14
N ALA A 128 7.63 -18.23 -6.77
CA ALA A 128 8.79 -18.83 -7.42
C ALA A 128 8.46 -19.05 -8.90
N LYS A 129 7.31 -19.63 -9.18
CA LYS A 129 6.92 -19.90 -10.56
C LYS A 129 6.64 -18.65 -11.42
N LYS A 130 6.29 -17.54 -10.77
CA LYS A 130 5.96 -16.32 -11.49
C LYS A 130 7.01 -15.20 -11.60
N VAL A 131 7.60 -14.84 -10.48
CA VAL A 131 8.55 -13.73 -10.39
C VAL A 131 9.97 -13.91 -10.97
N LYS A 132 10.33 -13.00 -11.87
CA LYS A 132 11.65 -12.99 -12.50
C LYS A 132 12.45 -11.79 -11.99
N LYS A 133 13.76 -11.84 -12.17
CA LYS A 133 14.65 -10.77 -11.73
C LYS A 133 14.27 -9.41 -12.26
N GLU A 134 13.72 -9.38 -13.48
CA GLU A 134 13.35 -8.10 -14.09
C GLU A 134 12.02 -7.57 -13.60
N ASP A 135 11.30 -8.36 -12.81
CA ASP A 135 10.01 -7.91 -12.30
C ASP A 135 10.16 -7.14 -10.99
N VAL A 137 8.09 -6.68 -7.13
CA VAL A 137 7.07 -7.26 -6.27
C VAL A 137 6.73 -6.22 -5.21
N VAL A 138 5.45 -6.09 -4.91
CA VAL A 138 5.05 -5.11 -3.91
C VAL A 138 4.09 -5.73 -2.90
N ILE A 139 4.66 -6.24 -1.80
CA ILE A 139 3.84 -6.83 -0.74
C ILE A 139 3.30 -5.62 0.02
N ALA A 140 1.99 -5.42 0.00
CA ALA A 140 1.41 -4.27 0.69
C ALA A 140 0.18 -4.58 1.54
N GLY A 141 0.15 -3.95 2.71
CA GLY A 141 -0.89 -4.15 3.68
C GLY A 141 -0.33 -5.16 4.64
N SER A 142 -0.76 -5.12 5.89
CA SER A 142 -0.23 -6.08 6.87
C SER A 142 -0.90 -7.44 6.78
N PRO A 143 -0.27 -8.47 7.36
CA PRO A 143 -0.74 -9.85 7.38
C PRO A 143 -2.06 -10.13 8.12
N PRO A 144 -2.78 -11.19 7.71
CA PRO A 144 -4.05 -11.58 8.33
C PRO A 144 -3.65 -12.23 9.65
N PRO A 145 -4.60 -12.39 10.58
CA PRO A 145 -4.33 -13.00 11.89
C PRO A 145 -3.55 -14.29 11.79
N HIS A 146 -2.55 -14.46 12.65
CA HIS A 146 -1.76 -15.68 12.69
C HIS A 146 -0.93 -16.05 11.49
N TYR A 147 -0.67 -15.08 10.62
CA TYR A 147 0.22 -15.28 9.48
C TYR A 147 1.44 -14.71 10.22
N THR A 148 2.22 -15.59 10.83
CA THR A 148 3.36 -15.20 11.64
C THR A 148 4.54 -14.48 11.00
N LEU A 149 5.38 -13.91 11.87
CA LEU A 149 6.59 -13.21 11.47
C LEU A 149 7.42 -14.26 10.75
N SER A 150 7.34 -15.49 11.26
CA SER A 150 8.06 -16.61 10.66
C SER A 150 7.53 -16.80 9.24
N ASP A 151 6.21 -16.80 9.08
CA ASP A 151 5.63 -16.96 7.74
C ASP A 151 6.08 -15.80 6.85
N PHE A 152 6.06 -14.59 7.40
CA PHE A 152 6.45 -13.41 6.66
C PHE A 152 7.90 -13.53 6.18
N LYS A 153 8.76 -14.11 7.03
CA LYS A 153 10.17 -14.27 6.68
C LYS A 153 10.30 -15.11 5.40
N GLU A 154 9.65 -16.28 5.37
CA GLU A 154 9.71 -17.11 4.17
C GLU A 154 9.23 -16.32 2.96
N LEU A 155 8.13 -15.59 3.12
CA LEU A 155 7.57 -14.82 2.03
C LEU A 155 8.61 -13.90 1.41
N LEU A 156 9.19 -13.03 2.23
CA LEU A 156 10.20 -12.10 1.78
C LEU A 156 11.44 -12.77 1.16
N ARG A 157 11.98 -13.77 1.85
CA ARG A 157 13.16 -14.49 1.37
C ARG A 157 12.87 -15.20 0.07
N THR A 158 11.66 -15.75 -0.04
CA THR A 158 11.28 -16.43 -1.27
C THR A 158 11.28 -15.44 -2.43
N VAL A 159 10.90 -14.18 -2.17
CA VAL A 159 10.89 -13.17 -3.23
C VAL A 159 12.30 -12.74 -3.55
N LYS A 160 13.07 -12.46 -2.51
CA LYS A 160 14.45 -12.03 -2.68
C LYS A 160 15.21 -13.07 -3.49
N ALA A 161 14.99 -14.34 -3.17
CA ALA A 161 15.66 -15.43 -3.85
C ALA A 161 15.51 -15.35 -5.37
N THR A 162 14.45 -14.72 -5.85
CA THR A 162 14.25 -14.62 -7.30
C THR A 162 14.95 -13.39 -7.93
N GLY A 163 15.50 -12.53 -7.08
CA GLY A 163 16.22 -11.36 -7.55
C GLY A 163 15.38 -10.19 -8.07
N ALA A 164 14.08 -10.20 -7.80
CA ALA A 164 13.27 -9.09 -8.28
C ALA A 164 13.24 -7.91 -7.32
N PHE A 165 12.87 -6.74 -7.82
CA PHE A 165 12.77 -5.56 -6.99
C PHE A 165 11.67 -5.88 -5.95
N LEU A 166 11.90 -5.52 -4.70
CA LEU A 166 10.94 -5.80 -3.65
C LEU A 166 10.62 -4.62 -2.74
N GLY A 167 9.37 -4.16 -2.79
CA GLY A 167 8.97 -3.07 -1.94
C GLY A 167 7.99 -3.62 -0.93
N CYS A 168 7.96 -3.05 0.26
CA CYS A 168 7.04 -3.51 1.30
C CYS A 168 6.38 -2.36 2.02
N ASP A 169 5.06 -2.35 2.05
CA ASP A 169 4.37 -1.32 2.80
C ASP A 169 3.71 -2.08 3.92
N ASN A 170 4.37 -2.09 5.07
CA ASN A 170 3.89 -2.80 6.26
C ASN A 170 4.09 -1.95 7.52
N SER A 171 3.86 -2.59 8.67
CA SER A 171 4.03 -1.92 9.96
C SER A 171 4.32 -2.90 11.08
N GLY A 172 4.51 -2.37 12.28
CA GLY A 172 4.80 -3.22 13.43
C GLY A 172 6.06 -4.02 13.18
N GLU A 173 6.16 -5.18 13.78
CA GLU A 173 7.35 -6.00 13.60
C GLU A 173 7.55 -6.42 12.14
N TYR A 174 6.49 -6.43 11.35
CA TYR A 174 6.61 -6.81 9.95
C TYR A 174 7.50 -5.80 9.21
N LEU A 175 7.27 -4.51 9.45
CA LEU A 175 8.08 -3.48 8.80
C LEU A 175 9.52 -3.65 9.26
N ASN A 176 9.72 -3.79 10.56
CA ASN A 176 11.07 -3.96 11.10
C ASN A 176 11.71 -5.13 10.39
N LEU A 177 11.00 -6.23 10.38
CA LEU A 177 11.47 -7.43 9.74
C LEU A 177 11.86 -7.15 8.28
N ALA A 178 11.01 -6.40 7.59
CA ALA A 178 11.26 -6.06 6.20
C ALA A 178 12.61 -5.37 6.06
N VAL A 179 12.85 -4.41 6.95
CA VAL A 179 14.09 -3.66 6.97
C VAL A 179 15.29 -4.58 7.20
N GLU A 180 15.19 -5.45 8.22
CA GLU A 180 16.27 -6.37 8.53
C GLU A 180 16.58 -7.30 7.35
N GLY A 182 16.11 -6.53 4.27
CA GLY A 182 16.69 -5.75 3.20
C GLY A 182 15.85 -5.65 1.95
N VAL A 183 14.77 -4.88 2.00
CA VAL A 183 13.93 -4.70 0.83
C VAL A 183 14.37 -3.41 0.13
N ASP A 184 13.99 -3.25 -1.13
CA ASP A 184 14.35 -2.07 -1.92
C ASP A 184 13.48 -0.85 -1.60
N PHE A 185 12.28 -1.09 -1.07
CA PHE A 185 11.39 0.02 -0.77
C PHE A 185 10.50 -0.21 0.46
N ILE A 186 10.23 0.88 1.17
CA ILE A 186 9.35 0.91 2.35
C ILE A 186 8.92 2.34 2.56
N LYS A 187 7.72 2.53 3.12
CA LYS A 187 7.19 3.87 3.36
C LYS A 187 6.71 4.04 4.80
N PRO A 188 7.65 4.09 5.77
CA PRO A 188 7.33 4.24 7.19
C PRO A 188 6.99 5.69 7.51
N ASN A 189 6.29 5.90 8.62
CA ASN A 189 5.99 7.26 9.05
C ASN A 189 7.13 7.64 9.98
N GLU A 190 7.16 8.89 10.42
CA GLU A 190 8.22 9.33 11.29
C GLU A 190 8.52 8.37 12.45
N ASP A 191 7.49 8.08 13.24
CA ASP A 191 7.60 7.21 14.40
C ASP A 191 8.05 5.79 14.11
N GLU A 192 7.61 5.24 12.99
CA GLU A 192 8.01 3.90 12.62
C GLU A 192 9.51 3.85 12.37
N VAL A 193 10.04 4.96 11.85
CA VAL A 193 11.47 5.11 11.59
C VAL A 193 12.19 5.05 12.92
N ILE A 194 11.69 5.81 13.90
CA ILE A 194 12.31 5.82 15.21
C ILE A 194 12.23 4.44 15.83
N ALA A 195 11.12 3.74 15.61
CA ALA A 195 10.94 2.40 16.15
C ALA A 195 11.91 1.37 15.55
N ILE A 196 12.02 1.37 14.22
CA ILE A 196 12.91 0.46 13.51
C ILE A 196 14.34 0.51 14.03
N LEU A 197 14.80 1.71 14.33
CA LEU A 197 16.16 1.90 14.80
C LEU A 197 16.23 1.88 16.31
N ASP A 198 15.11 2.23 16.96
CA ASP A 198 15.05 2.32 18.41
C ASP A 198 16.10 3.34 18.83
N GLU A 199 16.12 4.46 18.12
CA GLU A 199 17.08 5.53 18.39
C GLU A 199 16.26 6.81 18.61
N LYS A 200 16.51 7.51 19.70
CA LYS A 200 15.72 8.70 19.99
C LYS A 200 16.53 9.97 20.27
N THR A 201 17.83 9.91 20.05
CA THR A 201 18.69 11.07 20.33
C THR A 201 19.24 11.76 19.09
N ASN A 202 19.16 11.11 17.94
CA ASN A 202 19.64 11.71 16.71
C ASN A 202 18.49 12.42 15.98
N SER A 203 18.82 13.33 15.07
CA SER A 203 17.77 14.02 14.33
C SER A 203 17.09 12.98 13.43
N LEU A 204 15.85 13.26 12.99
CA LEU A 204 15.16 12.32 12.12
C LEU A 204 15.97 12.16 10.85
N GLU A 205 16.52 13.28 10.38
CA GLU A 205 17.34 13.31 9.18
C GLU A 205 18.42 12.23 9.23
N GLU A 206 19.15 12.23 10.34
CA GLU A 206 20.24 11.27 10.54
C GLU A 206 19.66 9.86 10.58
N ASN A 207 18.50 9.70 11.20
CA ASN A 207 17.85 8.38 11.28
C ASN A 207 17.60 7.88 9.86
N ILE A 208 17.10 8.78 9.02
CA ILE A 208 16.80 8.45 7.64
C ILE A 208 18.04 8.16 6.81
N ARG A 209 19.03 9.04 6.87
CA ARG A 209 20.24 8.82 6.08
C ARG A 209 20.82 7.47 6.49
N THR A 210 20.82 7.22 7.79
CA THR A 210 21.32 5.97 8.35
C THR A 210 20.54 4.79 7.75
N LEU A 211 19.21 4.90 7.80
CA LEU A 211 18.35 3.85 7.29
C LEU A 211 18.48 3.68 5.78
N ALA A 212 18.87 4.75 5.09
CA ALA A 212 19.03 4.69 3.65
C ALA A 212 20.14 3.73 3.25
N GLU A 213 21.05 3.45 4.19
CA GLU A 213 22.16 2.54 3.93
C GLU A 213 21.66 1.12 3.62
N LYS A 214 20.44 0.81 4.07
CA LYS A 214 19.86 -0.49 3.83
C LYS A 214 18.73 -0.47 2.80
N ILE A 215 17.91 0.58 2.81
CA ILE A 215 16.82 0.70 1.85
C ILE A 215 17.23 1.70 0.79
N PRO A 216 17.31 1.28 -0.48
CA PRO A 216 17.72 2.20 -1.54
C PRO A 216 16.66 3.20 -1.99
N TYR A 217 15.39 2.92 -1.70
CA TYR A 217 14.28 3.82 -2.05
C TYR A 217 13.48 4.04 -0.79
N LEU A 218 14.04 4.84 0.11
CA LEU A 218 13.41 5.14 1.38
C LEU A 218 12.54 6.38 1.32
N VAL A 219 11.28 6.23 1.71
CA VAL A 219 10.36 7.35 1.73
C VAL A 219 9.71 7.36 3.10
N VAL A 220 9.90 8.45 3.82
CA VAL A 220 9.32 8.60 5.14
C VAL A 220 8.21 9.65 5.07
N SER A 221 7.02 9.26 5.48
CA SER A 221 5.89 10.18 5.47
C SER A 221 5.90 10.99 6.76
N LEU A 222 5.67 12.30 6.64
CA LEU A 222 5.63 13.18 7.80
C LEU A 222 4.23 13.78 7.95
N GLY A 223 3.23 13.05 7.49
CA GLY A 223 1.87 13.54 7.59
C GLY A 223 1.61 14.74 6.71
N ALA A 224 0.92 15.73 7.26
CA ALA A 224 0.57 16.94 6.54
C ALA A 224 1.80 17.68 5.99
N LYS A 225 2.90 17.66 6.74
CA LYS A 225 4.13 18.34 6.34
C LYS A 225 4.68 17.87 4.99
N GLY A 226 4.28 16.67 4.56
CA GLY A 226 4.77 16.15 3.30
C GLY A 226 5.59 14.89 3.52
N SER A 227 6.76 14.81 2.90
CA SER A 227 7.63 13.64 3.04
C SER A 227 9.10 13.90 2.87
N ILE A 228 9.90 12.90 3.24
CA ILE A 228 11.34 12.96 3.07
C ILE A 228 11.74 11.65 2.43
N CYS A 229 12.37 11.73 1.27
CA CYS A 229 12.81 10.54 0.55
C CYS A 229 14.32 10.50 0.39
N ALA A 230 14.91 9.35 0.64
CA ALA A 230 16.34 9.18 0.47
C ALA A 230 16.59 8.26 -0.70
N HIS A 231 17.60 8.56 -1.50
CA HIS A 231 17.92 7.71 -2.63
C HIS A 231 19.23 8.12 -3.26
N ASN A 232 20.05 7.12 -3.58
CA ASN A 232 21.34 7.34 -4.23
C ASN A 232 22.24 8.35 -3.52
N GLY A 233 22.15 8.40 -2.19
CA GLY A 233 22.97 9.31 -1.42
C GLY A 233 22.33 10.65 -1.19
N LYS A 234 21.20 10.91 -1.85
CA LYS A 234 20.54 12.20 -1.68
C LYS A 234 19.31 12.14 -0.78
N LEU A 235 18.94 13.28 -0.22
CA LEU A 235 17.79 13.40 0.67
C LEU A 235 16.90 14.53 0.16
N TYR A 236 15.62 14.26 -0.02
CA TYR A 236 14.69 15.25 -0.55
C TYR A 236 13.49 15.52 0.35
N GLN A 237 13.15 16.80 0.50
CA GLN A 237 11.99 17.22 1.29
C GLN A 237 10.87 17.40 0.27
N VAL A 238 9.82 16.60 0.36
CA VAL A 238 8.71 16.71 -0.58
C VAL A 238 7.54 17.44 0.06
N ILE A 239 7.19 18.60 -0.51
CA ILE A 239 6.10 19.41 0.03
C ILE A 239 4.92 19.49 -0.92
N PRO A 240 3.73 19.07 -0.45
CA PRO A 240 2.49 19.10 -1.24
C PRO A 240 1.87 20.49 -1.29
N PRO A 241 1.06 20.78 -2.31
CA PRO A 241 0.44 22.11 -2.39
C PRO A 241 -0.50 22.39 -1.23
N THR A 249 -7.07 9.29 3.39
CA THR A 249 -6.82 7.86 3.58
C THR A 249 -6.84 7.15 2.24
N GLY A 250 -6.04 6.10 2.12
CA GLY A 250 -5.94 5.40 0.86
C GLY A 250 -4.96 6.23 0.05
N ALA A 251 -4.66 7.40 0.61
CA ALA A 251 -3.74 8.37 0.03
C ALA A 251 -2.35 7.75 0.04
N GLY A 252 -2.06 6.98 1.08
CA GLY A 252 -0.77 6.34 1.18
C GLY A 252 -0.64 5.20 0.17
N ASP A 253 -1.74 4.50 -0.07
CA ASP A 253 -1.73 3.39 -1.03
C ASP A 253 -1.53 3.94 -2.42
N VAL A 254 -2.20 5.05 -2.72
CA VAL A 254 -2.06 5.66 -4.03
C VAL A 254 -0.64 6.18 -4.21
N PHE A 255 -0.05 6.71 -3.14
CA PHE A 255 1.32 7.22 -3.22
C PHE A 255 2.25 6.07 -3.62
N VAL A 256 2.10 4.94 -2.92
CA VAL A 256 2.90 3.78 -3.21
C VAL A 256 2.70 3.42 -4.68
N GLY A 257 1.43 3.22 -5.05
CA GLY A 257 1.12 2.88 -6.43
C GLY A 257 1.76 3.84 -7.42
N ALA A 258 1.59 5.14 -7.19
CA ALA A 258 2.16 6.13 -8.09
C ALA A 258 3.68 6.04 -8.14
N PHE A 259 4.29 5.95 -6.95
CA PHE A 259 5.74 5.85 -6.82
C PHE A 259 6.26 4.65 -7.62
N ILE A 260 5.64 3.49 -7.40
CA ILE A 260 6.05 2.29 -8.12
C ILE A 260 5.95 2.53 -9.62
N ALA A 261 4.85 3.16 -10.04
CA ALA A 261 4.64 3.45 -11.46
C ALA A 261 5.84 4.27 -12.01
N GLY A 262 6.20 5.34 -11.30
CA GLY A 262 7.33 6.17 -11.71
C GLY A 262 8.58 5.35 -11.92
N LEU A 263 8.93 4.53 -10.94
CA LEU A 263 10.12 3.68 -11.03
C LEU A 263 9.97 2.73 -12.22
N ALA A 264 8.76 2.22 -12.41
CA ALA A 264 8.46 1.30 -13.50
C ALA A 264 8.68 1.97 -14.84
N ASN A 266 10.54 4.22 -15.19
CA ASN A 266 11.91 4.67 -15.09
C ASN A 266 12.05 6.19 -15.25
N PRO A 268 12.89 10.07 -13.58
CA PRO A 268 13.70 10.64 -12.50
C PRO A 268 13.03 10.46 -11.14
N ILE A 269 13.83 10.28 -10.09
CA ILE A 269 13.28 10.09 -8.76
C ILE A 269 12.53 11.33 -8.26
N THR A 270 13.12 12.52 -8.43
CA THR A 270 12.45 13.74 -7.98
C THR A 270 11.11 13.81 -8.68
N GLU A 271 11.09 13.42 -9.94
CA GLU A 271 9.89 13.45 -10.73
C GLU A 271 8.89 12.43 -10.21
N THR A 272 9.38 11.22 -9.93
CA THR A 272 8.52 10.17 -9.41
C THR A 272 7.84 10.67 -8.14
N LEU A 273 8.61 11.36 -7.31
CA LEU A 273 8.10 11.92 -6.06
C LEU A 273 7.02 12.96 -6.30
N LYS A 274 7.15 13.75 -7.36
CA LYS A 274 6.14 14.77 -7.62
C LYS A 274 4.84 14.09 -8.07
N VAL A 275 4.96 13.04 -8.86
CA VAL A 275 3.77 12.34 -9.34
C VAL A 275 3.11 11.62 -8.16
N ALA A 276 3.89 10.84 -7.42
CA ALA A 276 3.34 10.14 -6.27
C ALA A 276 2.59 11.11 -5.36
N THR A 277 3.26 12.21 -5.01
CA THR A 277 2.65 13.21 -4.13
C THR A 277 1.43 13.91 -4.74
N GLY A 278 1.42 14.05 -6.06
CA GLY A 278 0.30 14.70 -6.70
C GLY A 278 -0.92 13.81 -6.63
N CYS A 279 -0.70 12.50 -6.78
CA CYS A 279 -1.79 11.54 -6.74
C CYS A 279 -2.34 11.35 -5.33
N SER A 280 -1.46 11.38 -4.34
CA SER A 280 -1.88 11.21 -2.96
C SER A 280 -2.77 12.40 -2.55
N ALA A 281 -2.34 13.59 -2.92
CA ALA A 281 -3.08 14.80 -2.60
C ALA A 281 -4.39 14.83 -3.38
N SER A 282 -4.39 14.23 -4.57
CA SER A 282 -5.57 14.18 -5.42
C SER A 282 -6.73 13.45 -4.75
N LYS A 283 -6.41 12.51 -3.85
CA LYS A 283 -7.44 11.74 -3.14
C LYS A 283 -7.91 12.46 -1.89
N VAL A 284 -6.96 13.05 -1.17
CA VAL A 284 -7.28 13.77 0.04
C VAL A 284 -8.20 14.93 -0.33
N GLN A 286 -10.65 13.95 -2.90
CA GLN A 286 -11.72 13.15 -3.50
C GLN A 286 -12.48 12.46 -2.37
N GLN A 287 -13.74 12.10 -2.63
CA GLN A 287 -14.60 11.43 -1.65
C GLN A 287 -13.80 10.43 -0.82
N PHE A 292 -9.22 8.12 -7.01
CA PHE A 292 -8.72 9.41 -7.47
C PHE A 292 -8.81 9.51 -8.99
N ASP A 293 -8.79 10.74 -9.50
CA ASP A 293 -8.86 10.99 -10.92
C ASP A 293 -7.43 11.27 -11.39
N LEU A 294 -6.87 10.36 -12.20
CA LEU A 294 -5.51 10.53 -12.70
C LEU A 294 -5.32 11.88 -13.38
N GLU A 295 -6.23 12.22 -14.29
CA GLU A 295 -6.16 13.49 -14.99
C GLU A 295 -6.06 14.60 -13.94
N ALA A 296 -6.92 14.52 -12.93
CA ALA A 296 -6.96 15.49 -11.85
C ALA A 296 -5.67 15.51 -11.03
N ALA A 297 -5.04 14.34 -10.89
CA ALA A 297 -3.79 14.23 -10.14
C ALA A 297 -2.66 14.92 -10.88
N GLY A 298 -2.74 14.93 -12.22
CA GLY A 298 -1.72 15.56 -13.04
C GLY A 298 -1.59 17.06 -12.87
N LYS A 299 -2.68 17.74 -12.51
CA LYS A 299 -2.65 19.18 -12.32
C LYS A 299 -1.91 19.54 -11.03
N LEU A 300 -1.79 18.56 -10.14
CA LEU A 300 -1.13 18.78 -8.86
C LEU A 300 0.34 18.41 -8.85
N LYS A 301 0.78 17.66 -9.86
CA LYS A 301 2.16 17.22 -9.98
C LYS A 301 3.16 18.37 -9.90
N ASN A 302 2.94 19.41 -10.70
CA ASN A 302 3.85 20.53 -10.71
C ASN A 302 3.56 21.59 -9.65
N GLN A 303 2.76 21.24 -8.66
CA GLN A 303 2.48 22.16 -7.54
C GLN A 303 3.24 21.59 -6.36
N VAL A 304 3.84 20.42 -6.57
CA VAL A 304 4.64 19.75 -5.55
C VAL A 304 6.06 20.31 -5.65
N SER A 305 6.66 20.63 -4.51
CA SER A 305 8.01 21.16 -4.54
C SER A 305 9.01 20.25 -3.83
N ILE A 306 10.15 20.06 -4.48
CA ILE A 306 11.21 19.22 -3.95
C ILE A 306 12.36 20.10 -3.47
N ILE A 307 12.87 19.80 -2.29
CA ILE A 307 13.99 20.54 -1.72
C ILE A 307 15.08 19.55 -1.36
N GLN A 308 16.21 19.59 -2.05
CA GLN A 308 17.28 18.67 -1.74
C GLN A 308 17.97 19.11 -0.45
N LEU A 309 18.20 18.15 0.44
CA LEU A 309 18.86 18.46 1.70
C LEU A 309 20.33 18.11 1.57
N GLU A 310 21.19 19.06 1.92
CA GLU A 310 22.63 18.85 1.83
C GLU A 310 23.20 18.48 3.20
#